data_4AMS
#
_entry.id   4AMS
#
_cell.length_a   100.632
_cell.length_b   100.632
_cell.length_c   168.822
_cell.angle_alpha   90.00
_cell.angle_beta   90.00
_cell.angle_gamma   90.00
#
_symmetry.space_group_name_H-M   'P 43 21 2'
#
loop_
_entity.id
_entity.type
_entity.pdbx_description
1 polymer MG662
2 non-polymer 'MAGNESIUM ION'
3 water water
#
_entity_poly.entity_id   1
_entity_poly.type   'polypeptide(L)'
_entity_poly.pdbx_seq_one_letter_code
;GSSHHHHHHSLEVLFQGPGSLIYTYKLEKYVRTKIFPKILLIPDKNRYIIKGSFRRRVPFVTDIDVVNNVYPEISRENIY
DEIIKLVNNIQSDPNIILAYLSCGTDERFKISTGSSKELSNIQSLLPDNEKNEFQLVLNKYYNDQQKKLFFLNELIWDHY
KLRWKPEDVLIGSMNLANNVSVNFRETVENNSTILLQYYVKLGSYPVGIDVVINYQKIDLTPAYKNAALYQLQLANYSRE
YYYMLFPLRYYFKNNQDISQRLENIIEKKYGLYKQLMVRIDDYHTLYKSGNLKIDMATNIVIGILRDIEKLPGFESDTIY
QIKKVATNNSPSIKIEEWDILLKVLYQEINTAVNNKSRKYFYRYIAMVPPQDRSKNYISENQDMRLKMVN
;
_entity_poly.pdbx_strand_id   A
#
loop_
_chem_comp.id
_chem_comp.type
_chem_comp.name
_chem_comp.formula
MG non-polymer 'MAGNESIUM ION' 'Mg 2'
#
# COMPACT_ATOMS: atom_id res chain seq x y z
N SER A 3 28.87 44.60 -12.62
CA SER A 3 28.38 44.73 -13.99
C SER A 3 28.09 43.41 -14.69
N HIS A 4 26.95 43.36 -15.36
CA HIS A 4 26.40 42.12 -15.90
C HIS A 4 26.93 41.81 -17.30
N HIS A 5 27.88 42.62 -17.73
CA HIS A 5 28.57 42.36 -18.98
C HIS A 5 29.40 41.10 -18.84
N HIS A 6 29.65 40.68 -17.60
CA HIS A 6 30.77 39.75 -17.36
C HIS A 6 30.44 38.39 -16.79
N HIS A 7 30.42 38.25 -15.49
CA HIS A 7 30.30 36.89 -14.95
C HIS A 7 28.84 36.49 -14.77
N HIS A 8 28.03 36.81 -15.77
CA HIS A 8 26.58 36.59 -15.76
C HIS A 8 26.22 35.34 -16.55
N HIS A 9 25.23 34.59 -16.08
CA HIS A 9 24.94 33.27 -16.69
C HIS A 9 23.50 32.92 -17.07
N SER A 10 22.52 33.45 -16.33
CA SER A 10 21.11 33.09 -16.55
C SER A 10 20.73 31.83 -15.77
N LEU A 11 20.84 30.67 -16.42
CA LEU A 11 20.61 29.39 -15.73
C LEU A 11 19.25 29.34 -15.05
N GLU A 12 18.23 28.88 -15.77
CA GLU A 12 16.82 28.96 -15.36
C GLU A 12 15.94 29.30 -16.57
N VAL A 13 15.42 28.29 -17.28
CA VAL A 13 15.60 26.85 -17.04
C VAL A 13 14.68 26.27 -15.95
N LEU A 14 13.80 25.35 -16.37
CA LEU A 14 12.86 24.66 -15.51
C LEU A 14 12.88 23.16 -15.81
N PHE A 15 12.02 22.44 -15.11
CA PHE A 15 11.94 20.98 -15.20
C PHE A 15 10.51 20.53 -15.54
N GLY A 19 5.38 15.56 -14.74
CA GLY A 19 6.03 14.70 -13.78
C GLY A 19 5.07 14.00 -12.81
N SER A 20 5.63 13.35 -11.80
CA SER A 20 4.84 12.53 -10.90
C SER A 20 4.15 13.35 -9.80
N LEU A 21 3.30 12.71 -9.02
CA LEU A 21 2.51 13.48 -8.06
C LEU A 21 3.35 14.06 -6.93
N ILE A 22 3.33 15.38 -6.83
CA ILE A 22 4.04 16.13 -5.80
C ILE A 22 3.03 16.78 -4.86
N TYR A 23 3.27 16.73 -3.56
CA TYR A 23 2.34 17.32 -2.63
C TYR A 23 2.24 18.84 -2.79
N THR A 24 1.00 19.34 -2.79
CA THR A 24 0.72 20.78 -2.70
C THR A 24 -0.55 21.01 -1.90
N TYR A 25 -0.59 22.06 -1.09
CA TYR A 25 -1.77 22.36 -0.28
C TYR A 25 -3.00 22.39 -1.18
N LYS A 26 -2.77 22.65 -2.45
CA LYS A 26 -3.88 22.68 -3.40
C LYS A 26 -4.47 21.27 -3.53
N LEU A 27 -3.59 20.29 -3.61
CA LEU A 27 -4.01 18.92 -3.77
C LEU A 27 -4.81 18.51 -2.54
N GLU A 28 -4.31 18.85 -1.37
CA GLU A 28 -4.99 18.45 -0.17
C GLU A 28 -6.39 19.05 -0.12
N LYS A 29 -6.48 20.34 -0.46
CA LYS A 29 -7.74 21.06 -0.50
C LYS A 29 -8.73 20.35 -1.43
N TYR A 30 -8.22 19.92 -2.57
CA TYR A 30 -9.05 19.23 -3.55
C TYR A 30 -9.59 17.90 -3.02
N VAL A 31 -8.74 17.05 -2.43
CA VAL A 31 -9.29 15.78 -1.96
C VAL A 31 -10.27 15.99 -0.82
N ARG A 32 -9.95 16.92 0.08
CA ARG A 32 -10.83 17.19 1.21
C ARG A 32 -12.21 17.71 0.81
N THR A 33 -12.30 18.49 -0.25
CA THR A 33 -13.58 19.13 -0.59
C THR A 33 -14.30 18.47 -1.77
N LYS A 34 -13.56 17.89 -2.70
CA LYS A 34 -14.18 17.26 -3.87
C LYS A 34 -14.29 15.73 -3.76
N ILE A 35 -13.32 15.10 -3.09
CA ILE A 35 -13.27 13.64 -3.03
C ILE A 35 -13.87 13.06 -1.75
N PHE A 36 -13.45 13.58 -0.61
CA PHE A 36 -13.93 13.04 0.65
C PHE A 36 -15.45 13.00 0.75
N PRO A 37 -16.13 14.05 0.29
CA PRO A 37 -17.58 13.96 0.46
C PRO A 37 -18.19 12.78 -0.29
N LYS A 38 -17.48 12.26 -1.27
CA LYS A 38 -17.98 11.15 -2.07
C LYS A 38 -17.56 9.77 -1.56
N ILE A 39 -16.54 9.70 -0.71
CA ILE A 39 -16.00 8.39 -0.38
C ILE A 39 -16.12 8.04 1.08
N LEU A 40 -16.34 9.03 1.93
CA LEU A 40 -16.53 8.78 3.35
C LEU A 40 -17.99 8.49 3.68
N LEU A 41 -18.23 7.81 4.79
CA LEU A 41 -19.60 7.57 5.27
C LEU A 41 -20.14 8.77 6.00
N ILE A 42 -19.31 9.45 6.77
CA ILE A 42 -19.71 10.73 7.34
C ILE A 42 -18.62 11.77 7.08
N PRO A 43 -18.76 12.53 5.99
CA PRO A 43 -17.81 13.62 5.74
C PRO A 43 -18.14 14.64 6.81
N ASP A 44 -17.19 15.43 7.27
CA ASP A 44 -17.37 16.14 8.51
C ASP A 44 -15.99 16.19 9.09
N LYS A 45 -15.37 17.36 9.02
CA LYS A 45 -13.97 17.51 9.42
C LYS A 45 -13.73 16.90 10.78
N ASN A 46 -14.73 16.94 11.65
CA ASN A 46 -14.57 16.42 13.01
C ASN A 46 -14.74 14.92 13.10
N ARG A 47 -15.08 14.27 11.99
CA ARG A 47 -15.37 12.84 12.01
C ARG A 47 -14.35 12.01 11.27
N TYR A 48 -13.32 12.67 10.75
CA TYR A 48 -12.29 11.95 10.03
C TYR A 48 -10.94 12.57 10.27
N ILE A 49 -9.90 11.79 9.99
CA ILE A 49 -8.55 12.23 10.30
C ILE A 49 -7.58 11.61 9.29
N ILE A 50 -6.71 12.45 8.73
CA ILE A 50 -5.76 11.95 7.76
C ILE A 50 -4.56 11.38 8.49
N LYS A 51 -4.04 10.25 8.00
CA LYS A 51 -2.86 9.66 8.61
C LYS A 51 -1.77 9.33 7.57
N GLY A 52 -0.60 8.96 8.06
CA GLY A 52 0.43 8.41 7.21
C GLY A 52 1.18 9.47 6.42
N SER A 53 1.66 9.09 5.25
CA SER A 53 2.54 9.96 4.51
C SER A 53 1.86 11.28 4.14
N PHE A 54 0.57 11.22 3.80
CA PHE A 54 -0.12 12.41 3.32
C PHE A 54 -0.34 13.42 4.44
N ARG A 55 -0.61 12.93 5.65
CA ARG A 55 -0.69 13.79 6.83
C ARG A 55 0.66 14.46 7.09
N ARG A 56 1.72 13.82 6.61
CA ARG A 56 3.09 14.31 6.79
C ARG A 56 3.51 15.22 5.62
N ARG A 57 2.65 15.35 4.62
CA ARG A 57 2.94 16.21 3.48
C ARG A 57 4.24 15.79 2.77
N VAL A 58 4.52 14.50 2.73
CA VAL A 58 5.72 14.04 2.05
C VAL A 58 5.62 14.49 0.61
N PRO A 59 6.71 15.01 0.05
CA PRO A 59 6.65 15.61 -1.29
C PRO A 59 6.32 14.64 -2.41
N PHE A 60 6.86 13.44 -2.38
CA PHE A 60 6.51 12.48 -3.43
C PHE A 60 5.30 11.72 -2.95
N VAL A 61 4.09 12.22 -3.25
CA VAL A 61 2.92 11.66 -2.59
C VAL A 61 2.65 10.26 -3.12
N THR A 62 2.23 9.38 -2.22
CA THR A 62 2.02 7.98 -2.53
C THR A 62 0.56 7.57 -2.38
N ASP A 63 -0.09 8.03 -1.31
CA ASP A 63 -1.42 7.56 -0.95
C ASP A 63 -2.06 8.55 0.00
N ILE A 64 -3.35 8.38 0.25
CA ILE A 64 -3.99 9.13 1.30
C ILE A 64 -4.65 8.12 2.20
N ASP A 65 -4.31 8.17 3.49
CA ASP A 65 -4.86 7.24 4.44
C ASP A 65 -5.71 8.11 5.34
N VAL A 66 -6.96 7.70 5.53
CA VAL A 66 -7.89 8.46 6.34
C VAL A 66 -8.75 7.54 7.19
N VAL A 67 -9.13 8.00 8.37
CA VAL A 67 -10.01 7.26 9.25
C VAL A 67 -11.34 7.99 9.44
N ASN A 68 -12.43 7.27 9.31
CA ASN A 68 -13.77 7.83 9.52
C ASN A 68 -14.38 7.20 10.75
N ASN A 69 -14.52 7.99 11.81
CA ASN A 69 -15.18 7.55 13.04
C ASN A 69 -16.67 7.80 13.02
N VAL A 70 -17.46 6.76 12.73
CA VAL A 70 -18.88 6.97 12.45
C VAL A 70 -19.86 6.56 13.54
N TYR A 71 -19.36 5.96 14.61
CA TYR A 71 -20.19 5.55 15.74
C TYR A 71 -20.62 6.77 16.55
N PRO A 72 -21.90 6.81 17.01
CA PRO A 72 -23.02 5.86 16.95
C PRO A 72 -23.97 6.01 15.77
N GLU A 73 -23.88 7.10 15.01
CA GLU A 73 -24.77 7.28 13.86
C GLU A 73 -24.71 6.02 13.04
N ILE A 74 -23.50 5.50 12.87
CA ILE A 74 -23.32 4.25 12.18
C ILE A 74 -22.70 3.24 13.14
N SER A 75 -23.37 2.10 13.27
CA SER A 75 -22.98 1.08 14.20
C SER A 75 -23.33 -0.24 13.52
N ARG A 76 -23.32 -1.33 14.27
CA ARG A 76 -23.67 -2.62 13.69
C ARG A 76 -25.13 -2.68 13.31
N GLU A 77 -25.95 -1.81 13.91
CA GLU A 77 -27.37 -1.78 13.56
C GLU A 77 -27.60 -1.49 12.06
N ASN A 78 -26.91 -0.49 11.53
CA ASN A 78 -27.12 -0.01 10.16
C ASN A 78 -25.90 -0.09 9.26
N ILE A 79 -24.80 -0.66 9.74
CA ILE A 79 -23.56 -0.67 8.95
C ILE A 79 -23.71 -1.41 7.63
N TYR A 80 -24.55 -2.45 7.61
CA TYR A 80 -24.77 -3.17 6.37
C TYR A 80 -25.47 -2.29 5.32
N ASP A 81 -26.62 -1.72 5.72
CA ASP A 81 -27.37 -0.83 4.83
C ASP A 81 -26.54 0.35 4.37
N GLU A 82 -25.77 0.94 5.27
CA GLU A 82 -24.95 2.09 4.89
C GLU A 82 -23.86 1.71 3.88
N ILE A 83 -23.18 0.60 4.10
CA ILE A 83 -22.14 0.19 3.19
C ILE A 83 -22.73 -0.17 1.83
N ILE A 84 -23.92 -0.77 1.82
CA ILE A 84 -24.53 -1.12 0.55
C ILE A 84 -24.91 0.13 -0.25
N LYS A 85 -25.47 1.10 0.44
CA LYS A 85 -25.76 2.39 -0.18
C LYS A 85 -24.48 2.98 -0.79
N LEU A 86 -23.39 2.91 -0.03
CA LEU A 86 -22.14 3.52 -0.44
C LEU A 86 -21.56 2.82 -1.67
N VAL A 87 -21.50 1.49 -1.62
CA VAL A 87 -20.97 0.78 -2.77
C VAL A 87 -21.81 1.10 -4.02
N ASN A 88 -23.14 1.01 -3.91
CA ASN A 88 -23.98 1.40 -5.04
C ASN A 88 -23.61 2.80 -5.58
N ASN A 89 -23.48 3.79 -4.70
CA ASN A 89 -23.06 5.11 -5.17
C ASN A 89 -21.72 5.15 -5.90
N ILE A 90 -20.75 4.37 -5.40
CA ILE A 90 -19.44 4.36 -5.99
C ILE A 90 -19.45 3.64 -7.33
N GLN A 91 -20.19 2.54 -7.41
CA GLN A 91 -20.33 1.83 -8.67
C GLN A 91 -20.96 2.73 -9.74
N SER A 92 -21.73 3.73 -9.31
CA SER A 92 -22.38 4.63 -10.27
C SER A 92 -21.51 5.82 -10.63
N ASP A 93 -20.33 5.89 -10.01
CA ASP A 93 -19.45 7.03 -10.23
C ASP A 93 -18.24 6.58 -11.01
N PRO A 94 -18.17 7.01 -12.28
CA PRO A 94 -17.08 6.62 -13.17
C PRO A 94 -15.74 7.22 -12.72
N ASN A 95 -15.79 8.18 -11.81
CA ASN A 95 -14.56 8.87 -11.41
C ASN A 95 -13.83 8.25 -10.20
N ILE A 96 -14.47 7.28 -9.58
CA ILE A 96 -13.97 6.71 -8.35
C ILE A 96 -14.12 5.22 -8.43
N ILE A 97 -13.01 4.55 -8.20
CA ILE A 97 -12.91 3.10 -8.20
C ILE A 97 -12.80 2.64 -6.74
N LEU A 98 -13.58 1.64 -6.39
CA LEU A 98 -13.41 0.97 -5.12
C LEU A 98 -12.85 -0.38 -5.48
N ALA A 99 -11.57 -0.59 -5.22
CA ALA A 99 -10.96 -1.83 -5.65
C ALA A 99 -11.47 -2.97 -4.79
N TYR A 100 -11.39 -2.79 -3.48
CA TYR A 100 -11.61 -3.85 -2.50
C TYR A 100 -12.15 -3.27 -1.23
N LEU A 101 -13.05 -4.02 -0.64
CA LEU A 101 -13.51 -3.69 0.68
C LEU A 101 -13.06 -4.83 1.61
N SER A 102 -12.25 -4.51 2.61
CA SER A 102 -11.80 -5.50 3.57
C SER A 102 -12.59 -5.48 4.87
N CYS A 103 -13.08 -6.65 5.25
CA CYS A 103 -13.74 -6.84 6.52
C CYS A 103 -13.77 -8.32 6.85
N GLY A 104 -13.33 -8.68 8.05
CA GLY A 104 -13.43 -10.04 8.54
C GLY A 104 -12.26 -10.97 8.26
N THR A 105 -12.31 -12.15 8.87
CA THR A 105 -11.24 -13.12 8.74
C THR A 105 -11.78 -14.52 8.48
N ASP A 106 -10.99 -15.33 7.79
CA ASP A 106 -11.27 -16.75 7.67
C ASP A 106 -10.35 -17.47 8.67
N GLU A 107 -10.87 -17.75 9.85
CA GLU A 107 -10.07 -18.30 10.94
C GLU A 107 -9.39 -19.65 10.63
N ARG A 108 -9.88 -20.34 9.60
CA ARG A 108 -9.19 -21.52 9.10
C ARG A 108 -7.76 -21.19 8.64
N PHE A 109 -7.38 -19.92 8.64
CA PHE A 109 -6.05 -19.53 8.21
C PHE A 109 -5.34 -18.75 9.30
N LYS A 110 -5.93 -18.78 10.49
CA LYS A 110 -5.33 -18.17 11.66
C LYS A 110 -4.13 -19.02 12.04
N ILE A 111 -3.20 -18.41 12.76
CA ILE A 111 -2.01 -19.10 13.21
C ILE A 111 -2.13 -19.45 14.71
N SER A 112 -1.11 -19.15 15.52
CA SER A 112 -1.05 -19.54 16.94
C SER A 112 -0.16 -20.77 17.14
N THR A 113 0.39 -21.26 16.02
CA THR A 113 1.37 -22.35 15.96
C THR A 113 0.90 -23.75 16.41
N GLY A 114 1.62 -24.76 15.90
CA GLY A 114 1.43 -26.15 16.26
C GLY A 114 1.43 -27.13 15.08
N SER A 115 2.45 -27.05 14.22
CA SER A 115 2.65 -27.92 13.03
C SER A 115 1.48 -28.74 12.46
N SER A 116 0.74 -29.42 13.31
CA SER A 116 -0.52 -30.03 12.92
C SER A 116 -1.28 -29.05 12.00
N LYS A 117 -1.51 -27.84 12.49
CA LYS A 117 -2.37 -26.91 11.79
C LYS A 117 -1.78 -26.31 10.51
N GLU A 118 -0.46 -26.40 10.35
CA GLU A 118 0.16 -25.83 9.15
C GLU A 118 -0.15 -26.76 8.01
N LEU A 119 -0.04 -28.05 8.27
CA LEU A 119 -0.46 -29.04 7.31
C LEU A 119 -1.96 -28.86 7.19
N SER A 120 -2.63 -28.79 8.34
CA SER A 120 -4.09 -28.68 8.34
C SER A 120 -4.60 -27.44 7.61
N ASN A 121 -3.70 -26.51 7.28
CA ASN A 121 -4.13 -25.34 6.52
C ASN A 121 -3.42 -25.09 5.17
N ILE A 122 -2.19 -25.56 5.03
CA ILE A 122 -1.69 -25.83 3.68
C ILE A 122 -2.68 -26.91 3.26
N GLN A 123 -2.99 -27.03 1.99
CA GLN A 123 -3.94 -28.07 1.57
C GLN A 123 -5.39 -27.58 1.42
N SER A 124 -5.64 -26.37 1.89
CA SER A 124 -6.86 -25.69 1.49
C SER A 124 -6.51 -24.87 0.24
N LEU A 125 -5.26 -25.03 -0.23
CA LEU A 125 -4.69 -24.14 -1.23
C LEU A 125 -4.61 -24.73 -2.65
N LEU A 126 -3.48 -24.51 -3.34
CA LEU A 126 -3.31 -24.91 -4.75
C LEU A 126 -1.83 -24.88 -5.26
N PRO A 127 -1.29 -23.71 -5.68
CA PRO A 127 0.17 -23.70 -5.50
C PRO A 127 0.47 -23.53 -4.02
N ASP A 128 0.42 -24.65 -3.30
CA ASP A 128 0.66 -24.72 -1.88
C ASP A 128 1.96 -25.49 -1.65
N ASN A 129 2.53 -25.99 -2.74
CA ASN A 129 3.90 -26.46 -2.69
C ASN A 129 4.74 -25.23 -2.40
N GLU A 130 4.32 -24.10 -2.96
CA GLU A 130 4.86 -22.78 -2.62
C GLU A 130 4.95 -22.57 -1.11
N LYS A 131 3.91 -23.01 -0.42
CA LYS A 131 3.88 -22.98 1.03
C LYS A 131 4.92 -23.93 1.58
N ASN A 132 4.92 -25.17 1.09
CA ASN A 132 5.87 -26.18 1.55
C ASN A 132 7.30 -25.85 1.15
N GLU A 133 7.47 -25.44 -0.11
CA GLU A 133 8.77 -25.06 -0.65
C GLU A 133 9.44 -24.07 0.28
N PHE A 134 8.60 -23.49 1.11
CA PHE A 134 9.01 -22.44 2.01
C PHE A 134 9.14 -22.99 3.43
N GLN A 135 8.45 -24.09 3.68
CA GLN A 135 8.59 -24.85 4.91
C GLN A 135 10.06 -25.20 5.07
N LEU A 136 10.68 -25.48 3.92
CA LEU A 136 12.11 -25.68 3.80
C LEU A 136 12.81 -24.35 4.08
N VAL A 137 12.99 -24.08 5.37
CA VAL A 137 13.49 -22.81 5.92
C VAL A 137 13.25 -22.87 7.44
N LEU A 138 14.02 -23.74 8.10
CA LEU A 138 13.97 -23.89 9.55
C LEU A 138 15.39 -23.90 10.12
N GLN A 146 8.63 -19.63 13.08
CA GLN A 146 9.82 -19.00 13.63
C GLN A 146 9.97 -17.63 12.98
N LYS A 147 10.24 -17.64 11.68
CA LYS A 147 10.30 -16.48 10.80
C LYS A 147 9.72 -17.16 9.60
N LYS A 148 9.77 -18.49 9.68
CA LYS A 148 8.95 -19.38 8.89
C LYS A 148 7.50 -18.93 9.02
N LEU A 149 7.02 -18.75 10.25
CA LEU A 149 5.63 -18.35 10.46
C LEU A 149 5.32 -17.00 9.80
N PHE A 150 6.31 -16.11 9.77
CA PHE A 150 6.10 -14.80 9.18
C PHE A 150 5.88 -14.90 7.68
N PHE A 151 6.67 -15.71 6.99
CA PHE A 151 6.47 -15.81 5.55
C PHE A 151 5.33 -16.76 5.18
N LEU A 152 4.81 -17.47 6.18
CA LEU A 152 3.62 -18.27 5.96
C LEU A 152 2.40 -17.34 6.01
N ASN A 153 2.33 -16.52 7.05
CA ASN A 153 1.28 -15.50 7.12
C ASN A 153 1.32 -14.58 5.90
N GLU A 154 2.52 -14.37 5.39
CA GLU A 154 2.70 -13.59 4.18
C GLU A 154 1.97 -14.25 3.04
N LEU A 155 2.07 -15.56 2.98
CA LEU A 155 1.54 -16.31 1.84
C LEU A 155 0.01 -16.43 1.86
N ILE A 156 -0.55 -16.59 3.06
CA ILE A 156 -1.97 -16.86 3.22
C ILE A 156 -2.78 -15.62 3.63
N TRP A 157 -2.09 -14.50 3.67
CA TRP A 157 -2.66 -13.19 3.98
C TRP A 157 -4.06 -12.95 3.41
N ASP A 158 -4.21 -13.08 2.10
CA ASP A 158 -5.50 -12.83 1.47
C ASP A 158 -6.55 -13.92 1.71
N HIS A 159 -6.13 -15.09 2.18
CA HIS A 159 -7.09 -16.11 2.58
C HIS A 159 -7.60 -15.79 3.96
N TYR A 160 -6.70 -15.35 4.82
CA TYR A 160 -7.05 -15.07 6.19
C TYR A 160 -7.81 -13.76 6.32
N LYS A 161 -7.31 -12.69 5.72
CA LYS A 161 -7.99 -11.40 5.76
C LYS A 161 -8.92 -11.27 4.58
N LEU A 162 -10.22 -11.21 4.85
CA LEU A 162 -11.22 -11.19 3.79
C LEU A 162 -11.22 -9.90 3.03
N ARG A 163 -10.98 -9.99 1.73
CA ARG A 163 -11.12 -8.88 0.82
C ARG A 163 -12.35 -9.14 -0.04
N TRP A 164 -13.21 -8.14 -0.19
CA TRP A 164 -14.42 -8.25 -0.96
C TRP A 164 -14.37 -7.26 -2.12
N LYS A 165 -14.72 -7.70 -3.32
CA LYS A 165 -14.92 -6.75 -4.41
C LYS A 165 -16.32 -6.22 -4.31
N PRO A 166 -16.60 -5.08 -4.96
CA PRO A 166 -17.94 -4.50 -4.94
C PRO A 166 -19.01 -5.53 -5.33
N GLU A 167 -18.72 -6.27 -6.39
CA GLU A 167 -19.59 -7.32 -6.84
C GLU A 167 -19.93 -8.29 -5.70
N ASP A 168 -18.91 -8.73 -4.95
CA ASP A 168 -19.12 -9.68 -3.85
C ASP A 168 -19.99 -9.08 -2.73
N VAL A 169 -19.76 -7.82 -2.44
CA VAL A 169 -20.55 -7.11 -1.45
C VAL A 169 -22.00 -7.07 -1.90
N LEU A 170 -22.21 -6.73 -3.16
CA LEU A 170 -23.56 -6.49 -3.68
C LEU A 170 -24.37 -7.77 -3.79
N ILE A 171 -23.71 -8.85 -4.21
CA ILE A 171 -24.30 -10.18 -4.19
C ILE A 171 -24.52 -10.62 -2.74
N GLY A 172 -23.68 -10.11 -1.85
CA GLY A 172 -23.85 -10.34 -0.42
C GLY A 172 -23.16 -11.57 0.16
N SER A 173 -22.40 -12.28 -0.66
CA SER A 173 -21.56 -13.35 -0.12
C SER A 173 -20.48 -13.70 -1.10
N MET A 174 -19.50 -14.48 -0.67
CA MET A 174 -18.47 -14.97 -1.58
C MET A 174 -17.95 -16.33 -1.23
N ASN A 175 -17.35 -16.97 -2.22
CA ASN A 175 -16.82 -18.32 -2.05
C ASN A 175 -15.38 -18.35 -1.61
N LEU A 176 -15.14 -19.14 -0.58
CA LEU A 176 -13.82 -19.26 -0.01
C LEU A 176 -13.24 -20.62 -0.33
N ALA A 177 -12.11 -20.91 0.31
CA ALA A 177 -11.38 -22.13 0.08
C ALA A 177 -12.18 -23.32 0.55
N ASN A 178 -12.17 -24.38 -0.24
CA ASN A 178 -12.86 -25.61 0.11
C ASN A 178 -14.38 -25.45 0.12
N ASN A 179 -14.91 -24.87 -0.95
CA ASN A 179 -16.35 -24.66 -1.08
C ASN A 179 -17.00 -24.21 0.23
N VAL A 180 -16.34 -23.29 0.92
CA VAL A 180 -16.98 -22.57 2.01
C VAL A 180 -17.40 -21.19 1.52
N SER A 181 -18.61 -20.78 1.90
CA SER A 181 -19.18 -19.51 1.51
C SER A 181 -19.20 -18.63 2.75
N VAL A 182 -18.96 -17.34 2.58
CA VAL A 182 -19.11 -16.42 3.70
C VAL A 182 -20.12 -15.33 3.33
N ASN A 183 -20.94 -14.92 4.31
CA ASN A 183 -22.00 -13.95 4.09
C ASN A 183 -21.60 -12.52 4.51
N PHE A 184 -21.82 -11.54 3.64
CA PHE A 184 -21.32 -10.19 3.91
C PHE A 184 -21.95 -9.50 5.12
N ARG A 185 -23.26 -9.62 5.28
CA ARG A 185 -23.92 -9.04 6.43
C ARG A 185 -23.39 -9.62 7.76
N GLU A 186 -23.31 -10.94 7.85
CA GLU A 186 -22.86 -11.56 9.09
C GLU A 186 -21.51 -10.99 9.41
N THR A 187 -20.68 -10.93 8.37
CA THR A 187 -19.34 -10.40 8.47
C THR A 187 -19.31 -8.98 9.03
N VAL A 188 -20.05 -8.05 8.44
CA VAL A 188 -19.97 -6.67 8.94
C VAL A 188 -20.66 -6.45 10.29
N GLU A 189 -21.70 -7.25 10.56
CA GLU A 189 -22.49 -7.07 11.79
C GLU A 189 -21.80 -7.73 12.98
N ASN A 190 -20.79 -8.54 12.70
CA ASN A 190 -19.97 -9.14 13.75
C ASN A 190 -18.53 -8.62 13.71
N ASN A 191 -18.35 -7.43 13.15
CA ASN A 191 -17.03 -6.83 13.07
C ASN A 191 -17.09 -5.39 13.53
N SER A 192 -16.01 -4.64 13.38
CA SER A 192 -15.96 -3.30 13.98
C SER A 192 -15.35 -2.22 13.09
N THR A 193 -14.61 -2.65 12.07
CA THR A 193 -14.04 -1.73 11.11
C THR A 193 -14.13 -2.31 9.72
N ILE A 194 -14.02 -1.44 8.72
CA ILE A 194 -14.03 -1.86 7.34
C ILE A 194 -12.97 -1.07 6.61
N LEU A 195 -12.15 -1.73 5.80
CA LEU A 195 -11.18 -1.02 4.98
C LEU A 195 -11.67 -0.86 3.54
N LEU A 196 -11.78 0.40 3.12
CA LEU A 196 -12.22 0.72 1.79
C LEU A 196 -10.99 1.15 1.00
N GLN A 197 -10.56 0.36 0.03
CA GLN A 197 -9.43 0.74 -0.80
C GLN A 197 -9.91 1.38 -2.10
N TYR A 198 -9.82 2.70 -2.18
CA TYR A 198 -10.23 3.41 -3.38
C TYR A 198 -9.04 3.82 -4.26
N TYR A 199 -9.33 4.02 -5.55
CA TYR A 199 -8.43 4.76 -6.43
C TYR A 199 -9.17 5.92 -7.05
N VAL A 200 -8.53 7.07 -7.06
CA VAL A 200 -9.04 8.31 -7.59
C VAL A 200 -7.95 8.94 -8.42
N LYS A 201 -8.31 9.63 -9.50
CA LYS A 201 -7.29 10.28 -10.32
C LYS A 201 -6.87 11.61 -9.69
N LEU A 202 -5.60 11.71 -9.34
CA LEU A 202 -5.10 12.96 -8.77
C LEU A 202 -3.97 13.43 -9.65
N GLY A 203 -2.98 12.58 -9.80
CA GLY A 203 -1.90 12.94 -10.69
C GLY A 203 -2.39 13.12 -12.13
N SER A 204 -1.71 12.40 -13.01
CA SER A 204 -2.12 12.10 -14.35
C SER A 204 -2.27 10.59 -14.31
N TYR A 205 -2.41 10.05 -13.10
CA TYR A 205 -2.61 8.62 -12.89
C TYR A 205 -3.40 8.43 -11.59
N PRO A 206 -3.95 7.23 -11.39
CA PRO A 206 -4.73 6.91 -10.19
C PRO A 206 -3.87 6.80 -8.94
N VAL A 207 -4.40 7.33 -7.85
CA VAL A 207 -3.76 7.24 -6.56
C VAL A 207 -4.74 6.55 -5.62
N GLY A 208 -4.22 5.67 -4.76
CA GLY A 208 -5.06 4.96 -3.83
C GLY A 208 -5.40 5.79 -2.61
N ILE A 209 -6.66 5.80 -2.24
CA ILE A 209 -7.07 6.39 -0.99
C ILE A 209 -7.64 5.29 -0.10
N ASP A 210 -7.12 5.18 1.12
CA ASP A 210 -7.53 4.13 2.02
C ASP A 210 -8.41 4.73 3.08
N VAL A 211 -9.66 4.28 3.13
CA VAL A 211 -10.57 4.74 4.17
C VAL A 211 -10.93 3.64 5.17
N VAL A 212 -10.62 3.88 6.44
CA VAL A 212 -11.01 2.93 7.46
C VAL A 212 -12.25 3.45 8.17
N ILE A 213 -13.32 2.66 8.11
CA ILE A 213 -14.56 2.98 8.79
C ILE A 213 -14.56 2.31 10.16
N ASN A 214 -14.57 3.12 11.21
CA ASN A 214 -14.68 2.63 12.56
C ASN A 214 -16.11 2.81 13.04
N TYR A 215 -16.87 1.72 13.09
CA TYR A 215 -18.27 1.81 13.49
C TYR A 215 -18.59 1.19 14.83
N GLN A 216 -17.59 1.10 15.68
CA GLN A 216 -17.75 0.85 17.10
C GLN A 216 -16.84 1.88 17.75
N LYS A 217 -16.83 2.04 19.06
CA LYS A 217 -15.93 3.06 19.62
C LYS A 217 -14.54 2.52 19.91
N ILE A 218 -14.04 1.63 19.06
CA ILE A 218 -12.82 0.89 19.38
C ILE A 218 -11.54 1.72 19.31
N ASP A 219 -10.65 1.43 20.26
CA ASP A 219 -9.30 1.96 20.24
C ASP A 219 -8.58 1.33 19.07
N LEU A 220 -8.04 2.15 18.18
CA LEU A 220 -7.30 1.60 17.04
C LEU A 220 -5.81 1.45 17.34
N THR A 221 -5.39 2.00 18.47
CA THR A 221 -3.99 2.03 18.86
C THR A 221 -3.26 0.68 18.78
N PRO A 222 -3.84 -0.37 19.36
CA PRO A 222 -3.22 -1.69 19.19
C PRO A 222 -2.97 -2.06 17.72
N ALA A 223 -3.85 -1.60 16.83
CA ALA A 223 -3.69 -1.88 15.40
C ALA A 223 -2.50 -1.10 14.83
N TYR A 224 -2.29 0.11 15.35
CA TYR A 224 -1.12 0.90 14.97
C TYR A 224 0.20 0.26 15.41
N LYS A 225 0.30 -0.08 16.70
CA LYS A 225 1.45 -0.83 17.20
C LYS A 225 1.80 -2.02 16.31
N ASN A 226 0.81 -2.84 16.01
CA ASN A 226 1.08 -4.05 15.25
C ASN A 226 1.40 -3.80 13.79
N ALA A 227 0.81 -2.78 13.19
CA ALA A 227 1.19 -2.45 11.82
C ALA A 227 2.65 -1.95 11.79
N ALA A 228 3.00 -1.03 12.69
CA ALA A 228 4.40 -0.61 12.87
C ALA A 228 5.34 -1.80 13.06
N LEU A 229 5.05 -2.61 14.07
CA LEU A 229 5.80 -3.85 14.32
C LEU A 229 5.79 -4.78 13.11
N TYR A 230 4.75 -4.72 12.31
CA TYR A 230 4.70 -5.53 11.13
C TYR A 230 5.66 -5.02 10.07
N GLN A 231 5.62 -3.72 9.82
CA GLN A 231 6.52 -3.13 8.81
C GLN A 231 7.98 -3.41 9.18
N LEU A 232 8.32 -3.22 10.45
CA LEU A 232 9.65 -3.58 10.97
C LEU A 232 10.05 -4.98 10.54
N GLN A 233 9.23 -5.97 10.87
CA GLN A 233 9.58 -7.34 10.57
C GLN A 233 9.72 -7.54 9.08
N LEU A 234 8.74 -7.04 8.35
CA LEU A 234 8.74 -7.22 6.91
C LEU A 234 10.05 -6.69 6.30
N ALA A 235 10.46 -5.52 6.75
CA ALA A 235 11.68 -4.88 6.23
C ALA A 235 12.92 -5.67 6.64
N ASN A 236 13.05 -5.90 7.93
CA ASN A 236 14.23 -6.59 8.43
C ASN A 236 14.43 -8.01 7.89
N TYR A 237 13.39 -8.85 7.96
CA TYR A 237 13.48 -10.23 7.47
C TYR A 237 13.99 -10.34 6.04
N SER A 238 13.72 -9.33 5.22
CA SER A 238 14.16 -9.34 3.82
C SER A 238 15.30 -8.36 3.59
N ARG A 239 15.87 -7.87 4.68
CA ARG A 239 17.03 -6.98 4.63
C ARG A 239 16.87 -5.83 3.62
N GLU A 240 15.76 -5.11 3.72
CA GLU A 240 15.49 -3.96 2.88
C GLU A 240 15.84 -2.69 3.64
N TYR A 241 17.07 -2.22 3.42
CA TYR A 241 17.69 -1.24 4.30
C TYR A 241 16.97 0.07 4.24
N TYR A 242 16.37 0.35 3.09
CA TYR A 242 15.53 1.54 2.93
C TYR A 242 14.38 1.53 3.92
N TYR A 243 13.56 0.49 3.86
CA TYR A 243 12.40 0.40 4.76
C TYR A 243 12.84 0.23 6.19
N MET A 244 14.02 -0.34 6.38
CA MET A 244 14.52 -0.53 7.73
C MET A 244 14.73 0.80 8.44
N LEU A 245 14.81 1.90 7.67
CA LEU A 245 14.88 3.23 8.27
C LEU A 245 13.56 3.71 8.84
N PHE A 246 12.46 3.07 8.52
CA PHE A 246 11.18 3.62 8.94
C PHE A 246 11.00 3.50 10.44
N PRO A 247 11.34 2.34 11.02
CA PRO A 247 11.25 2.29 12.48
C PRO A 247 12.11 3.36 13.13
N LEU A 248 13.29 3.61 12.56
CA LEU A 248 14.21 4.59 13.16
C LEU A 248 13.61 5.97 13.17
N ARG A 249 12.84 6.27 12.12
CA ARG A 249 12.19 7.55 12.05
C ARG A 249 11.23 7.71 13.22
N TYR A 250 10.52 6.66 13.57
CA TYR A 250 9.66 6.71 14.74
C TYR A 250 10.50 6.81 16.00
N TYR A 251 11.48 5.92 16.15
CA TYR A 251 12.37 5.94 17.30
C TYR A 251 12.93 7.32 17.66
N PHE A 252 13.51 8.02 16.69
CA PHE A 252 14.11 9.33 16.95
C PHE A 252 13.09 10.45 16.82
N LYS A 253 11.82 10.08 16.88
CA LYS A 253 10.72 11.02 16.62
C LYS A 253 10.92 12.34 17.35
N ASN A 254 11.60 12.28 18.49
CA ASN A 254 11.78 13.45 19.34
C ASN A 254 13.13 14.13 19.26
N ASN A 255 14.06 13.54 18.52
CA ASN A 255 15.28 14.25 18.18
C ASN A 255 15.09 15.04 16.88
N GLN A 256 14.99 16.35 17.01
CA GLN A 256 14.73 17.20 15.85
C GLN A 256 15.74 17.02 14.72
N ASP A 257 17.03 17.05 15.03
CA ASP A 257 18.06 16.95 13.99
C ASP A 257 18.11 15.60 13.26
N ILE A 258 17.97 14.50 13.99
CA ILE A 258 17.96 13.19 13.36
C ILE A 258 16.67 12.98 12.57
N SER A 259 15.56 13.49 13.09
CA SER A 259 14.27 13.37 12.41
C SER A 259 14.27 14.02 11.04
N GLN A 260 14.93 15.17 10.94
CA GLN A 260 15.06 15.89 9.69
C GLN A 260 15.93 15.19 8.67
N ARG A 261 16.99 14.53 9.13
CA ARG A 261 17.88 13.82 8.25
C ARG A 261 17.21 12.54 7.75
N LEU A 262 16.54 11.84 8.65
CA LEU A 262 15.86 10.59 8.27
C LEU A 262 14.72 10.91 7.32
N GLU A 263 14.01 11.98 7.61
CA GLU A 263 12.91 12.44 6.77
C GLU A 263 13.44 12.80 5.39
N ASN A 264 14.57 13.49 5.36
CA ASN A 264 15.19 13.87 4.09
C ASN A 264 15.57 12.64 3.30
N ILE A 265 16.23 11.70 3.98
CA ILE A 265 16.75 10.54 3.28
C ILE A 265 15.62 9.73 2.72
N ILE A 266 14.59 9.54 3.52
CA ILE A 266 13.46 8.69 3.17
C ILE A 266 12.53 9.34 2.15
N GLU A 267 12.24 10.63 2.35
CA GLU A 267 11.23 11.33 1.54
C GLU A 267 11.78 12.13 0.38
N LYS A 268 12.96 12.71 0.53
CA LYS A 268 13.51 13.55 -0.52
C LYS A 268 14.64 12.85 -1.26
N LYS A 269 15.70 12.50 -0.54
CA LYS A 269 16.81 11.81 -1.19
C LYS A 269 16.31 10.65 -2.04
N TYR A 270 15.53 9.75 -1.43
CA TYR A 270 15.11 8.53 -2.11
C TYR A 270 13.58 8.42 -2.27
N GLY A 271 12.89 9.54 -2.05
CA GLY A 271 11.45 9.61 -2.20
C GLY A 271 10.89 9.02 -3.48
N LEU A 272 11.59 9.21 -4.59
CA LEU A 272 11.08 8.77 -5.89
C LEU A 272 11.13 7.27 -6.00
N TYR A 273 12.08 6.65 -5.31
CA TYR A 273 12.19 5.20 -5.32
C TYR A 273 10.92 4.62 -4.71
N LYS A 274 10.56 5.13 -3.54
CA LYS A 274 9.38 4.67 -2.83
C LYS A 274 8.15 4.89 -3.71
N GLN A 275 8.07 6.07 -4.33
CA GLN A 275 6.88 6.43 -5.10
C GLN A 275 6.73 5.50 -6.28
N LEU A 276 7.83 5.14 -6.92
CA LEU A 276 7.74 4.23 -8.05
C LEU A 276 7.31 2.84 -7.64
N MET A 277 7.73 2.41 -6.46
CA MET A 277 7.32 1.11 -5.97
C MET A 277 5.82 1.10 -5.68
N VAL A 278 5.31 2.15 -5.06
CA VAL A 278 3.88 2.19 -4.79
C VAL A 278 3.09 2.21 -6.10
N ARG A 279 3.55 3.00 -7.04
CA ARG A 279 2.84 3.21 -8.29
C ARG A 279 2.74 1.92 -9.06
N ILE A 280 3.77 1.11 -8.95
CA ILE A 280 3.79 -0.17 -9.61
C ILE A 280 2.85 -1.12 -8.90
N ASP A 281 2.79 -0.98 -7.58
CA ASP A 281 1.95 -1.85 -6.82
C ASP A 281 0.50 -1.51 -7.13
N ASP A 282 0.23 -0.21 -7.24
CA ASP A 282 -1.12 0.24 -7.54
C ASP A 282 -1.55 -0.34 -8.87
N TYR A 283 -0.62 -0.44 -9.82
CA TYR A 283 -0.91 -1.06 -11.12
C TYR A 283 -1.39 -2.49 -10.93
N HIS A 284 -0.61 -3.28 -10.20
CA HIS A 284 -0.97 -4.65 -9.91
C HIS A 284 -2.31 -4.76 -9.19
N THR A 285 -2.61 -3.80 -8.31
CA THR A 285 -3.86 -3.84 -7.57
C THR A 285 -5.04 -3.54 -8.48
N LEU A 286 -4.93 -2.46 -9.24
CA LEU A 286 -5.97 -2.09 -10.21
C LEU A 286 -6.24 -3.26 -11.15
N TYR A 287 -5.16 -3.91 -11.58
CA TYR A 287 -5.26 -5.08 -12.43
C TYR A 287 -6.03 -6.18 -11.75
N LYS A 288 -5.43 -6.80 -10.75
CA LYS A 288 -6.02 -7.95 -10.08
C LYS A 288 -7.43 -7.70 -9.58
N SER A 289 -7.76 -6.45 -9.31
CA SER A 289 -9.10 -6.15 -8.81
C SER A 289 -10.07 -5.89 -9.96
N GLY A 290 -9.57 -6.05 -11.18
CA GLY A 290 -10.38 -5.93 -12.39
C GLY A 290 -10.71 -4.54 -12.87
N ASN A 291 -9.95 -3.52 -12.44
CA ASN A 291 -10.31 -2.14 -12.81
C ASN A 291 -9.29 -1.44 -13.70
N LEU A 292 -8.52 -2.21 -14.46
CA LEU A 292 -7.45 -1.61 -15.26
C LEU A 292 -7.67 -1.69 -16.78
N LYS A 293 -8.04 -0.56 -17.38
CA LYS A 293 -8.14 -0.44 -18.84
C LYS A 293 -6.75 -0.27 -19.46
N ILE A 294 -6.61 -0.69 -20.72
CA ILE A 294 -5.36 -0.52 -21.44
C ILE A 294 -4.98 0.94 -21.60
N ASP A 295 -5.95 1.84 -21.60
CA ASP A 295 -5.61 3.25 -21.66
C ASP A 295 -4.92 3.66 -20.37
N MET A 296 -5.57 3.35 -19.26
CA MET A 296 -5.05 3.61 -17.93
C MET A 296 -3.74 2.86 -17.71
N ALA A 297 -3.71 1.60 -18.12
CA ALA A 297 -2.54 0.76 -17.91
C ALA A 297 -1.34 1.32 -18.64
N THR A 298 -1.59 1.89 -19.81
CA THR A 298 -0.54 2.37 -20.68
C THR A 298 -0.06 3.72 -20.18
N ASN A 299 -0.99 4.56 -19.75
CA ASN A 299 -0.61 5.84 -19.20
C ASN A 299 0.30 5.67 -17.99
N ILE A 300 -0.01 4.69 -17.15
CA ILE A 300 0.76 4.45 -15.95
C ILE A 300 2.17 3.99 -16.30
N VAL A 301 2.28 3.02 -17.21
CA VAL A 301 3.59 2.54 -17.66
C VAL A 301 4.42 3.65 -18.28
N ILE A 302 3.77 4.59 -18.95
CA ILE A 302 4.50 5.68 -19.55
C ILE A 302 5.17 6.52 -18.47
N GLY A 303 4.38 7.00 -17.52
CA GLY A 303 4.89 7.83 -16.46
C GLY A 303 5.95 7.12 -15.65
N ILE A 304 5.85 5.81 -15.56
CA ILE A 304 6.85 5.05 -14.84
C ILE A 304 8.16 5.06 -15.60
N LEU A 305 8.10 4.76 -16.91
CA LEU A 305 9.29 4.74 -17.76
C LEU A 305 9.96 6.10 -17.77
N ARG A 306 9.14 7.14 -17.72
CA ARG A 306 9.64 8.49 -17.64
C ARG A 306 10.47 8.64 -16.36
N ASP A 307 9.84 8.37 -15.22
CA ASP A 307 10.46 8.65 -13.93
C ASP A 307 11.62 7.74 -13.58
N ILE A 308 11.65 6.57 -14.18
CA ILE A 308 12.78 5.66 -14.02
C ILE A 308 14.07 6.35 -14.52
N GLU A 309 13.91 7.19 -15.54
CA GLU A 309 15.05 7.90 -16.09
C GLU A 309 15.62 8.94 -15.13
N LYS A 310 15.02 9.10 -13.96
CA LYS A 310 15.47 10.12 -13.01
C LYS A 310 16.10 9.50 -11.77
N LEU A 311 16.15 8.17 -11.75
CA LEU A 311 16.87 7.47 -10.70
C LEU A 311 18.33 7.43 -11.14
N PRO A 312 19.17 8.27 -10.51
CA PRO A 312 20.58 8.38 -10.90
C PRO A 312 21.33 7.04 -10.87
N GLY A 313 21.84 6.64 -12.03
CA GLY A 313 22.68 5.46 -12.12
C GLY A 313 21.89 4.18 -12.18
N PHE A 314 20.57 4.29 -12.21
CA PHE A 314 19.73 3.12 -12.27
C PHE A 314 19.78 2.54 -13.67
N GLU A 315 19.89 1.22 -13.74
CA GLU A 315 19.83 0.54 -15.02
C GLU A 315 19.07 -0.77 -14.93
N SER A 316 18.42 -1.14 -16.03
CA SER A 316 17.66 -2.37 -16.05
C SER A 316 17.29 -2.77 -17.47
N ASP A 317 17.45 -4.05 -17.74
CA ASP A 317 17.08 -4.63 -19.03
C ASP A 317 15.55 -4.73 -19.12
N THR A 318 14.91 -4.81 -17.96
CA THR A 318 13.46 -4.86 -17.92
C THR A 318 12.89 -3.68 -18.67
N ILE A 319 13.48 -2.50 -18.48
CA ILE A 319 12.97 -1.33 -19.19
C ILE A 319 12.77 -1.66 -20.65
N TYR A 320 13.78 -2.32 -21.24
CA TYR A 320 13.71 -2.64 -22.65
C TYR A 320 12.48 -3.51 -22.95
N GLN A 321 12.37 -4.65 -22.29
CA GLN A 321 11.24 -5.56 -22.52
C GLN A 321 9.88 -4.87 -22.38
N ILE A 322 9.75 -4.01 -21.38
CA ILE A 322 8.55 -3.21 -21.19
C ILE A 322 8.32 -2.34 -22.42
N LYS A 323 9.43 -1.94 -23.04
CA LYS A 323 9.35 -1.14 -24.24
C LYS A 323 8.78 -1.93 -25.41
N LYS A 324 9.26 -3.16 -25.61
CA LYS A 324 8.78 -3.95 -26.74
C LYS A 324 7.36 -4.45 -26.55
N VAL A 325 7.04 -4.92 -25.33
CA VAL A 325 5.68 -5.32 -25.02
C VAL A 325 4.66 -4.25 -25.40
N ALA A 326 5.07 -2.98 -25.36
CA ALA A 326 4.17 -1.90 -25.72
C ALA A 326 3.68 -2.03 -27.15
N THR A 327 4.35 -2.86 -27.95
CA THR A 327 4.06 -2.99 -29.38
C THR A 327 2.74 -3.74 -29.68
N ASN A 328 1.97 -3.18 -30.61
CA ASN A 328 0.65 -3.71 -30.98
C ASN A 328 0.04 -4.67 -29.94
N ASN A 329 -0.11 -5.94 -30.33
CA ASN A 329 -0.70 -6.94 -29.45
C ASN A 329 -2.15 -6.61 -29.11
N SER A 330 -2.75 -7.46 -28.28
CA SER A 330 -4.03 -7.14 -27.68
C SER A 330 -3.76 -6.38 -26.40
N PRO A 331 -4.63 -5.42 -26.08
CA PRO A 331 -4.59 -4.79 -24.76
C PRO A 331 -4.43 -5.87 -23.70
N SER A 332 -5.14 -6.97 -23.88
CA SER A 332 -5.16 -8.08 -22.93
C SER A 332 -3.78 -8.60 -22.59
N ILE A 333 -2.97 -8.87 -23.61
CA ILE A 333 -1.64 -9.43 -23.39
C ILE A 333 -0.67 -8.31 -22.95
N LYS A 334 -0.83 -7.12 -23.51
CA LYS A 334 0.00 -6.00 -23.11
C LYS A 334 -0.10 -5.78 -21.59
N ILE A 335 -1.32 -5.73 -21.10
CA ILE A 335 -1.55 -5.51 -19.69
C ILE A 335 -0.96 -6.64 -18.86
N GLU A 336 -1.11 -7.87 -19.33
CA GLU A 336 -0.59 -9.03 -18.61
C GLU A 336 0.92 -9.05 -18.55
N GLU A 337 1.57 -8.75 -19.69
CA GLU A 337 3.03 -8.77 -19.75
C GLU A 337 3.60 -7.66 -18.88
N TRP A 338 3.14 -6.45 -19.13
CA TRP A 338 3.48 -5.33 -18.28
C TRP A 338 3.43 -5.72 -16.81
N ASP A 339 2.29 -6.23 -16.36
CA ASP A 339 2.14 -6.61 -14.96
C ASP A 339 3.29 -7.49 -14.52
N ILE A 340 3.65 -8.46 -15.35
CA ILE A 340 4.69 -9.42 -15.01
C ILE A 340 6.08 -8.78 -14.90
N LEU A 341 6.36 -7.87 -15.83
CA LEU A 341 7.63 -7.15 -15.87
C LEU A 341 7.73 -6.13 -14.75
N LEU A 342 6.63 -5.41 -14.52
CA LEU A 342 6.56 -4.49 -13.40
C LEU A 342 6.91 -5.15 -12.06
N LYS A 343 6.70 -6.45 -11.92
CA LYS A 343 7.11 -7.12 -10.70
C LYS A 343 8.63 -7.16 -10.58
N VAL A 344 9.29 -7.51 -11.67
CA VAL A 344 10.73 -7.51 -11.72
C VAL A 344 11.24 -6.09 -11.47
N LEU A 345 10.65 -5.14 -12.20
CA LEU A 345 11.07 -3.77 -12.05
C LEU A 345 10.95 -3.30 -10.59
N TYR A 346 9.86 -3.67 -9.93
CA TYR A 346 9.66 -3.32 -8.51
C TYR A 346 10.84 -3.83 -7.71
N GLN A 347 11.26 -5.06 -7.99
CA GLN A 347 12.36 -5.64 -7.24
C GLN A 347 13.70 -4.97 -7.54
N GLU A 348 13.87 -4.53 -8.78
CA GLU A 348 15.08 -3.84 -9.17
C GLU A 348 15.16 -2.50 -8.45
N ILE A 349 14.02 -1.81 -8.38
CA ILE A 349 13.98 -0.52 -7.70
C ILE A 349 14.18 -0.70 -6.20
N ASN A 350 13.61 -1.77 -5.66
CA ASN A 350 13.74 -2.08 -4.24
C ASN A 350 15.20 -2.32 -3.89
N THR A 351 15.87 -3.10 -4.74
CA THR A 351 17.26 -3.42 -4.50
C THR A 351 18.17 -2.21 -4.67
N ALA A 352 17.88 -1.36 -5.65
CA ALA A 352 18.69 -0.17 -5.86
C ALA A 352 18.64 0.71 -4.61
N VAL A 353 17.43 0.99 -4.14
CA VAL A 353 17.26 1.88 -3.00
C VAL A 353 17.77 1.21 -1.73
N ASN A 354 17.61 -0.10 -1.62
CA ASN A 354 18.11 -0.79 -0.45
C ASN A 354 19.64 -0.77 -0.33
N ASN A 355 20.33 -0.94 -1.45
CA ASN A 355 21.78 -0.74 -1.48
C ASN A 355 22.24 0.67 -1.14
N LYS A 356 21.62 1.70 -1.71
CA LYS A 356 21.97 3.05 -1.36
C LYS A 356 21.71 3.36 0.11
N SER A 357 20.81 2.59 0.73
CA SER A 357 20.37 2.98 2.08
C SER A 357 21.10 2.26 3.18
N ARG A 358 21.85 1.22 2.82
CA ARG A 358 22.54 0.43 3.83
C ARG A 358 23.41 1.32 4.71
N LYS A 359 24.16 2.22 4.10
CA LYS A 359 25.04 3.11 4.86
C LYS A 359 24.29 3.93 5.89
N TYR A 360 23.14 4.46 5.49
CA TYR A 360 22.35 5.32 6.36
C TYR A 360 21.73 4.50 7.47
N PHE A 361 21.26 3.31 7.12
CA PHE A 361 20.72 2.46 8.15
C PHE A 361 21.77 2.21 9.23
N TYR A 362 22.88 1.62 8.84
CA TYR A 362 23.89 1.30 9.84
C TYR A 362 24.38 2.55 10.57
N ARG A 363 24.51 3.64 9.83
CA ARG A 363 24.88 4.92 10.44
C ARG A 363 23.92 5.33 11.56
N TYR A 364 22.62 5.06 11.39
CA TYR A 364 21.66 5.50 12.38
C TYR A 364 21.30 4.42 13.41
N ILE A 365 21.38 3.15 13.02
CA ILE A 365 21.15 2.07 13.99
C ILE A 365 22.23 2.13 15.06
N ALA A 366 23.48 2.32 14.63
CA ALA A 366 24.63 2.47 15.52
C ALA A 366 24.46 3.63 16.51
N MET A 367 23.50 4.51 16.23
CA MET A 367 23.25 5.68 17.07
C MET A 367 22.18 5.41 18.14
N VAL A 368 21.61 4.22 18.13
CA VAL A 368 20.62 3.88 19.14
C VAL A 368 21.22 2.93 20.19
N PRO A 369 20.99 3.26 21.47
CA PRO A 369 21.44 2.48 22.62
C PRO A 369 21.29 0.99 22.34
N PRO A 370 22.34 0.20 22.58
CA PRO A 370 22.32 -1.23 22.22
C PRO A 370 21.12 -1.98 22.82
N GLN A 371 20.57 -1.46 23.91
CA GLN A 371 19.44 -2.11 24.55
C GLN A 371 18.22 -1.99 23.64
N ASP A 372 18.10 -0.84 22.99
CA ASP A 372 16.94 -0.54 22.17
C ASP A 372 17.06 -1.07 20.75
N ARG A 373 18.28 -1.40 20.35
CA ARG A 373 18.49 -1.97 19.03
C ARG A 373 17.56 -3.16 18.75
N SER A 374 17.31 -3.98 19.77
CA SER A 374 16.41 -5.13 19.64
C SER A 374 15.10 -4.71 19.01
N LYS A 375 14.65 -3.50 19.34
CA LYS A 375 13.33 -3.04 18.95
C LYS A 375 13.33 -2.13 17.72
N ASN A 376 14.47 -1.99 17.07
CA ASN A 376 14.57 -1.20 15.84
C ASN A 376 15.26 -1.97 14.73
N TYR A 377 15.75 -3.15 15.05
CA TYR A 377 16.64 -3.90 14.19
C TYR A 377 16.40 -5.38 14.47
N ILE A 378 16.53 -6.22 13.46
CA ILE A 378 16.51 -7.67 13.69
C ILE A 378 17.83 -8.30 13.25
N SER A 379 18.67 -8.64 14.23
CA SER A 379 19.95 -9.33 14.06
C SER A 379 20.30 -9.68 12.60
MG MG B . -2.37 3.87 2.76
MG MG C . 0.49 6.62 4.33
#